data_1KB4
#
_entry.id   1KB4
#
_cell.length_a   61.50
_cell.length_b   61.50
_cell.length_c   241.97
_cell.angle_alpha   90.00
_cell.angle_beta   90.00
_cell.angle_gamma   90.00
#
_symmetry.space_group_name_H-M   'P 43 21 2'
#
loop_
_entity.id
_entity.type
_entity.pdbx_description
1 polymer "5'-D(*CP*AP*CP*AP*GP*GP*TP*CP*AP*CP*GP*AP*AP*GP*GP*TP*CP*A)-3'"
2 polymer "5'-D(*TP*GP*AP*CP*CP*TP*TP*CP*GP*TP*GP*AP*CP*CP*TP*GP*TP*G)-3'"
3 polymer 'Vitamin D3 Receptor'
4 non-polymer 'ZINC ION'
5 water water
#
loop_
_entity_poly.entity_id
_entity_poly.type
_entity_poly.pdbx_seq_one_letter_code
_entity_poly.pdbx_strand_id
1 'polydeoxyribonucleotide' (DC)(DA)(DC)(DA)(DG)(DG)(DT)(DC)(DA)(DC)(DG)(DA)(DA)(DG)(DG)(DT)(DC)(DA) C
2 'polydeoxyribonucleotide' (DT)(DG)(DA)(DC)(DC)(DT)(DT)(DC)(DG)(DT)(DG)(DA)(DC)(DC)(DT)(DG)(DT)(DG) D
3 'polypeptide(L)'
;FDRNVPRICGVCGDRATGFHFNAMTCEGCKGFFRRSMKRKALFTCPFNGDCRITKDNRRHCQACRLKRCVDIGMMKEFIL
TDEEVQRKREMILKRKEEEALKDSLRPKLS
;
A,B
#
loop_
_chem_comp.id
_chem_comp.type
_chem_comp.name
_chem_comp.formula
DA DNA linking 2'-DEOXYADENOSINE-5'-MONOPHOSPHATE 'C10 H14 N5 O6 P'
DC DNA linking 2'-DEOXYCYTIDINE-5'-MONOPHOSPHATE 'C9 H14 N3 O7 P'
DG DNA linking 2'-DEOXYGUANOSINE-5'-MONOPHOSPHATE 'C10 H14 N5 O7 P'
DT DNA linking THYMIDINE-5'-MONOPHOSPHATE 'C10 H15 N2 O8 P'
ZN non-polymer 'ZINC ION' 'Zn 2'
#
# COMPACT_ATOMS: atom_id res chain seq x y z
N ARG C 7 -11.43 9.19 21.58
CA ARG C 7 -11.81 8.15 20.57
C ARG C 7 -11.28 8.39 19.18
N ILE C 8 -10.02 8.79 19.09
CA ILE C 8 -9.41 8.99 17.79
C ILE C 8 -8.23 8.03 17.60
N CYS C 9 -8.05 7.53 16.39
CA CYS C 9 -6.93 6.65 16.16
C CYS C 9 -5.66 7.43 16.40
N GLY C 10 -4.80 6.92 17.30
CA GLY C 10 -3.54 7.55 17.59
C GLY C 10 -2.53 7.36 16.46
N VAL C 11 -2.92 6.71 15.38
CA VAL C 11 -1.98 6.52 14.31
C VAL C 11 -2.34 7.37 13.10
N CYS C 12 -3.59 7.37 12.71
CA CYS C 12 -4.02 8.10 11.53
C CYS C 12 -5.09 9.15 11.74
N GLY C 13 -5.56 9.29 12.97
CA GLY C 13 -6.58 10.30 13.21
C GLY C 13 -8.01 9.88 12.93
N ASP C 14 -8.14 8.73 12.29
CA ASP C 14 -9.46 8.21 11.98
C ASP C 14 -10.26 7.85 13.26
N ARG C 15 -11.57 7.64 13.12
CA ARG C 15 -12.41 7.33 14.29
C ARG C 15 -11.92 6.03 14.89
N ALA C 16 -11.69 6.02 16.18
CA ALA C 16 -11.23 4.79 16.77
C ALA C 16 -12.38 3.96 17.29
N THR C 17 -12.17 2.65 17.45
CA THR C 17 -13.18 1.75 17.98
C THR C 17 -12.84 1.16 19.34
N GLY C 18 -11.80 1.68 19.98
CA GLY C 18 -11.34 1.20 21.27
C GLY C 18 -9.83 0.91 21.24
N PHE C 19 -9.33 0.30 22.30
CA PHE C 19 -7.91 -0.06 22.36
C PHE C 19 -7.67 -1.34 21.58
N HIS C 20 -6.51 -1.46 21.00
CA HIS C 20 -6.23 -2.64 20.26
C HIS C 20 -4.79 -2.80 20.49
N PHE C 21 -4.41 -3.94 21.04
CA PHE C 21 -3.02 -4.19 21.30
C PHE C 21 -2.45 -3.07 22.12
N ASN C 22 -3.25 -2.63 23.09
CA ASN C 22 -2.88 -1.59 24.01
C ASN C 22 -2.84 -0.15 23.52
N ALA C 23 -3.57 0.21 22.48
CA ALA C 23 -3.53 1.59 22.02
C ALA C 23 -4.85 1.96 21.35
N MET C 24 -5.35 3.17 21.61
CA MET C 24 -6.60 3.63 21.01
C MET C 24 -6.43 3.68 19.50
N THR C 25 -7.08 2.82 18.76
CA THR C 25 -6.87 2.83 17.31
C THR C 25 -8.12 2.54 16.48
N CYS C 26 -8.02 2.82 15.18
CA CYS C 26 -9.10 2.59 14.25
C CYS C 26 -9.01 1.13 13.80
N GLU C 27 -10.06 0.60 13.16
CA GLU C 27 -10.05 -0.79 12.71
C GLU C 27 -9.03 -1.10 11.66
N GLY C 28 -8.68 -0.11 10.84
CA GLY C 28 -7.68 -0.31 9.81
C GLY C 28 -6.30 -0.52 10.42
N CYS C 29 -5.92 0.32 11.39
CA CYS C 29 -4.61 0.22 11.99
C CYS C 29 -4.44 -0.97 12.92
N LYS C 30 -5.54 -1.53 13.39
CA LYS C 30 -5.46 -2.70 14.23
C LYS C 30 -5.08 -3.86 13.26
N GLY C 31 -5.79 -3.95 12.16
CA GLY C 31 -5.51 -5.00 11.23
C GLY C 31 -4.16 -4.84 10.58
N PHE C 32 -3.76 -3.60 10.37
CA PHE C 32 -2.46 -3.37 9.78
C PHE C 32 -1.37 -3.84 10.73
N PHE C 33 -1.59 -3.48 11.98
CA PHE C 33 -0.62 -3.79 12.99
C PHE C 33 -0.46 -5.22 13.26
N ARG C 34 -1.55 -5.95 13.19
CA ARG C 34 -1.45 -7.35 13.49
C ARG C 34 -0.82 -8.07 12.35
N ARG C 35 -1.19 -7.75 11.12
CA ARG C 35 -0.60 -8.45 9.99
C ARG C 35 0.87 -8.12 9.90
N SER C 36 1.19 -6.86 9.96
CA SER C 36 2.57 -6.51 9.86
C SER C 36 3.42 -7.22 10.88
N MET C 37 2.91 -7.34 12.10
CA MET C 37 3.68 -8.00 13.13
C MET C 37 3.79 -9.51 12.94
N LYS C 38 2.68 -10.17 12.62
CA LYS C 38 2.70 -11.60 12.42
C LYS C 38 3.62 -11.98 11.24
N ARG C 39 3.50 -11.25 10.14
CA ARG C 39 4.25 -11.50 8.90
C ARG C 39 5.69 -11.02 9.03
N LYS C 40 6.06 -10.48 10.20
CA LYS C 40 7.42 -9.98 10.45
C LYS C 40 7.91 -8.95 9.40
N ALA C 41 6.96 -8.42 8.64
CA ALA C 41 7.18 -7.45 7.58
C ALA C 41 8.15 -6.34 7.83
N LEU C 42 8.99 -6.09 6.82
CA LEU C 42 9.99 -5.02 6.87
C LEU C 42 9.66 -3.98 5.84
N PHE C 43 9.32 -2.80 6.33
CA PHE C 43 8.95 -1.75 5.43
C PHE C 43 10.03 -0.71 5.35
N THR C 44 10.08 0.01 4.25
CA THR C 44 11.06 1.07 4.14
C THR C 44 10.38 2.25 3.45
N CYS C 45 10.41 3.41 4.10
CA CYS C 45 9.81 4.64 3.61
C CYS C 45 10.34 5.22 2.28
N PRO C 46 9.47 5.48 1.30
CA PRO C 46 10.06 6.02 0.08
C PRO C 46 10.35 7.54 0.14
N PHE C 47 9.99 8.15 1.26
CA PHE C 47 10.20 9.58 1.45
C PHE C 47 11.35 9.92 2.39
N ASN C 48 11.06 10.61 3.48
CA ASN C 48 12.13 11.02 4.39
C ASN C 48 12.06 10.32 5.71
N GLY C 49 11.09 9.41 5.84
CA GLY C 49 10.93 8.61 7.03
C GLY C 49 10.24 9.35 8.14
N ASP C 50 9.39 10.29 7.77
CA ASP C 50 8.62 11.00 8.77
C ASP C 50 7.31 11.49 8.22
N CYS C 51 6.69 10.63 7.43
CA CYS C 51 5.40 10.92 6.85
C CYS C 51 4.38 11.25 7.95
N ARG C 52 3.35 11.98 7.56
CA ARG C 52 2.30 12.34 8.53
C ARG C 52 1.12 11.43 8.20
N ILE C 53 0.94 10.38 8.99
CA ILE C 53 -0.11 9.43 8.69
C ILE C 53 -1.42 10.12 8.89
N THR C 54 -2.34 9.93 7.95
CA THR C 54 -3.68 10.51 8.06
C THR C 54 -4.64 9.49 7.51
N LYS C 55 -5.87 9.52 7.99
CA LYS C 55 -6.90 8.59 7.54
C LYS C 55 -6.82 8.31 6.05
N ASP C 56 -6.51 9.33 5.26
CA ASP C 56 -6.53 9.13 3.81
C ASP C 56 -5.23 8.92 3.06
N ASN C 57 -4.17 8.56 3.76
CA ASN C 57 -2.91 8.32 3.09
C ASN C 57 -2.14 7.27 3.82
N ARG C 58 -2.72 6.75 4.91
CA ARG C 58 -2.09 5.71 5.74
C ARG C 58 -1.74 4.50 4.91
N ARG C 59 -2.45 4.32 3.82
CA ARG C 59 -2.16 3.20 3.01
C ARG C 59 -0.85 3.36 2.21
N HIS C 60 -0.36 4.59 2.11
CA HIS C 60 0.85 4.93 1.35
C HIS C 60 2.23 4.77 2.03
N CYS C 61 2.30 4.78 3.34
CA CYS C 61 3.58 4.53 3.92
C CYS C 61 3.50 3.54 5.10
N GLN C 62 3.58 2.25 4.76
CA GLN C 62 3.52 1.19 5.75
C GLN C 62 4.64 1.31 6.76
N ALA C 63 5.80 1.74 6.28
CA ALA C 63 7.00 1.96 7.10
C ALA C 63 6.68 2.88 8.25
N CYS C 64 6.20 4.08 7.93
CA CYS C 64 5.86 5.07 8.93
C CYS C 64 4.64 4.72 9.73
N ARG C 65 3.63 4.10 9.10
CA ARG C 65 2.42 3.70 9.83
C ARG C 65 2.80 2.77 10.98
N LEU C 66 3.53 1.67 10.65
CA LEU C 66 3.96 0.65 11.62
C LEU C 66 4.85 1.21 12.68
N LYS C 67 5.70 2.15 12.29
CA LYS C 67 6.57 2.77 13.27
C LYS C 67 5.74 3.63 14.22
N ARG C 68 4.69 4.24 13.68
CA ARG C 68 3.81 5.08 14.47
C ARG C 68 3.05 4.18 15.42
N CYS C 69 2.68 2.99 14.95
CA CYS C 69 1.95 2.04 15.76
C CYS C 69 2.72 1.70 17.00
N VAL C 70 3.99 1.40 16.78
CA VAL C 70 4.88 1.04 17.87
C VAL C 70 5.15 2.24 18.74
N ASP C 71 5.35 3.39 18.14
CA ASP C 71 5.57 4.60 18.94
C ASP C 71 4.42 4.99 19.83
N ILE C 72 3.17 4.80 19.44
CA ILE C 72 2.11 5.15 20.39
C ILE C 72 1.92 4.03 21.39
N GLY C 73 2.64 2.93 21.22
CA GLY C 73 2.51 1.89 22.18
C GLY C 73 1.75 0.64 21.82
N MET C 74 1.55 0.32 20.56
CA MET C 74 0.87 -0.95 20.31
C MET C 74 1.86 -2.08 20.59
N MET C 75 1.38 -3.12 21.23
CA MET C 75 2.22 -4.24 21.64
C MET C 75 2.11 -5.56 20.88
N LYS C 76 3.16 -6.00 20.20
CA LYS C 76 3.04 -7.26 19.48
C LYS C 76 2.76 -8.46 20.35
N GLU C 77 3.11 -8.37 21.62
CA GLU C 77 2.90 -9.46 22.56
C GLU C 77 1.42 -9.69 22.87
N PHE C 78 0.54 -8.89 22.31
CA PHE C 78 -0.89 -9.02 22.55
C PHE C 78 -1.55 -9.74 21.41
N ILE C 79 -0.80 -9.93 20.34
CA ILE C 79 -1.33 -10.63 19.22
C ILE C 79 -1.17 -12.08 19.64
N LEU C 80 -2.18 -12.89 19.38
CA LEU C 80 -2.11 -14.31 19.70
C LEU C 80 -1.15 -14.98 18.70
N THR C 81 -0.39 -15.97 19.17
CA THR C 81 0.51 -16.66 18.28
C THR C 81 -0.35 -17.73 17.67
N ASP C 82 0.03 -18.23 16.50
CA ASP C 82 -0.77 -19.26 15.84
C ASP C 82 -1.15 -20.44 16.71
N GLU C 83 -0.27 -20.81 17.63
CA GLU C 83 -0.52 -21.91 18.53
C GLU C 83 -1.63 -21.51 19.50
N GLU C 84 -1.70 -20.23 19.82
CA GLU C 84 -2.72 -19.76 20.77
C GLU C 84 -4.06 -19.65 20.05
N VAL C 85 -3.99 -19.30 18.76
CA VAL C 85 -5.17 -19.17 17.93
C VAL C 85 -5.75 -20.56 17.82
N GLN C 86 -4.92 -21.50 17.36
CA GLN C 86 -5.30 -22.90 17.20
C GLN C 86 -5.89 -23.44 18.51
N ARG C 87 -5.20 -23.27 19.63
CA ARG C 87 -5.76 -23.79 20.86
C ARG C 87 -7.06 -23.13 21.20
N LYS C 88 -7.32 -21.95 20.61
CA LYS C 88 -8.54 -21.16 20.86
C LYS C 88 -9.73 -21.72 20.10
N ARG C 89 -9.54 -21.87 18.79
CA ARG C 89 -10.56 -22.39 17.89
C ARG C 89 -10.72 -23.90 18.13
N GLU C 90 -10.36 -24.33 19.35
CA GLU C 90 -10.42 -25.72 19.80
C GLU C 90 -11.22 -25.65 21.07
N MET C 91 -11.17 -24.48 21.71
CA MET C 91 -11.93 -24.26 22.94
C MET C 91 -13.24 -23.64 22.52
N ILE C 92 -13.32 -23.40 21.20
CA ILE C 92 -14.50 -22.84 20.53
C ILE C 92 -15.17 -24.05 19.88
N LEU C 93 -14.36 -24.99 19.39
CA LEU C 93 -14.93 -26.20 18.79
C LEU C 93 -15.32 -27.19 19.91
N LYS C 94 -14.69 -27.06 21.08
CA LYS C 94 -14.99 -27.91 22.22
C LYS C 94 -16.21 -27.34 22.94
N ARG C 95 -16.21 -26.03 23.18
CA ARG C 95 -17.33 -25.36 23.84
C ARG C 95 -18.55 -25.26 22.89
N LYS C 96 -18.39 -25.82 21.68
CA LYS C 96 -19.45 -25.86 20.65
C LYS C 96 -20.09 -27.24 20.77
N GLU C 97 -19.33 -28.27 20.37
CA GLU C 97 -19.75 -29.68 20.44
C GLU C 97 -19.96 -30.10 21.90
N GLU C 98 -20.40 -29.15 22.74
CA GLU C 98 -20.62 -29.34 24.17
C GLU C 98 -21.81 -28.46 24.62
N GLU C 99 -22.61 -28.02 23.66
CA GLU C 99 -23.78 -27.18 23.94
C GLU C 99 -24.82 -27.30 22.82
N ARG D 7 -14.10 10.07 -11.61
CA ARG D 7 -13.82 8.76 -12.28
C ARG D 7 -13.24 8.82 -13.71
N ILE D 8 -12.52 9.89 -14.03
CA ILE D 8 -11.90 10.09 -15.33
C ILE D 8 -10.39 10.31 -15.20
N CYS D 9 -9.63 9.78 -16.15
CA CYS D 9 -8.19 9.91 -16.13
C CYS D 9 -7.74 11.36 -16.13
N GLY D 10 -7.00 11.73 -15.09
CA GLY D 10 -6.49 13.08 -14.96
C GLY D 10 -5.51 13.51 -16.04
N VAL D 11 -4.87 12.57 -16.71
CA VAL D 11 -3.92 12.92 -17.73
C VAL D 11 -4.63 13.12 -19.08
N CYS D 12 -5.17 12.04 -19.63
CA CYS D 12 -5.76 12.08 -20.94
C CYS D 12 -7.26 12.19 -21.00
N GLY D 13 -7.92 12.15 -19.87
CA GLY D 13 -9.37 12.24 -19.94
C GLY D 13 -10.00 10.94 -20.38
N ASP D 14 -9.24 9.86 -20.34
CA ASP D 14 -9.76 8.54 -20.69
C ASP D 14 -10.61 8.01 -19.52
N ARG D 15 -11.13 6.79 -19.63
CA ARG D 15 -11.95 6.20 -18.57
C ARG D 15 -10.95 5.70 -17.56
N ALA D 16 -10.95 6.35 -16.42
CA ALA D 16 -10.05 6.00 -15.34
C ALA D 16 -10.55 4.71 -14.72
N THR D 17 -9.61 3.93 -14.18
CA THR D 17 -9.89 2.65 -13.54
C THR D 17 -9.71 2.73 -12.03
N GLY D 18 -9.16 3.83 -11.54
CA GLY D 18 -8.97 3.98 -10.12
C GLY D 18 -7.70 4.72 -9.88
N PHE D 19 -7.22 4.72 -8.65
CA PHE D 19 -5.98 5.40 -8.37
C PHE D 19 -4.75 4.60 -8.73
N HIS D 20 -3.75 5.29 -9.24
CA HIS D 20 -2.53 4.61 -9.60
C HIS D 20 -1.43 5.55 -9.23
N PHE D 21 -0.45 5.08 -8.47
CA PHE D 21 0.63 5.95 -8.07
C PHE D 21 0.06 7.28 -7.56
N ASN D 22 -0.96 7.14 -6.73
CA ASN D 22 -1.65 8.22 -6.07
C ASN D 22 -2.51 9.16 -6.90
N ALA D 23 -2.77 8.82 -8.16
CA ALA D 23 -3.65 9.69 -8.96
C ALA D 23 -4.68 8.88 -9.74
N MET D 24 -5.84 9.47 -10.00
CA MET D 24 -6.88 8.77 -10.73
C MET D 24 -6.57 8.76 -12.25
N THR D 25 -5.95 7.70 -12.71
CA THR D 25 -5.57 7.57 -14.10
C THR D 25 -6.19 6.36 -14.78
N CYS D 26 -6.10 6.32 -16.10
CA CYS D 26 -6.58 5.22 -16.92
C CYS D 26 -5.52 4.12 -16.94
N GLU D 27 -5.81 2.96 -17.52
CA GLU D 27 -4.81 1.90 -17.54
C GLU D 27 -3.58 2.22 -18.36
N GLY D 28 -3.73 3.01 -19.40
CA GLY D 28 -2.58 3.40 -20.21
C GLY D 28 -1.61 4.41 -19.55
N CYS D 29 -2.14 5.43 -18.90
CA CYS D 29 -1.26 6.39 -18.27
C CYS D 29 -0.67 5.75 -17.04
N LYS D 30 -1.25 4.64 -16.60
CA LYS D 30 -0.69 3.95 -15.45
C LYS D 30 0.57 3.27 -15.95
N GLY D 31 0.47 2.48 -16.99
CA GLY D 31 1.69 1.86 -17.45
C GLY D 31 2.74 2.83 -17.99
N PHE D 32 2.27 3.89 -18.64
CA PHE D 32 3.21 4.86 -19.19
C PHE D 32 4.00 5.50 -18.07
N PHE D 33 3.35 5.83 -16.97
CA PHE D 33 4.07 6.44 -15.89
C PHE D 33 5.10 5.49 -15.27
N ARG D 34 4.66 4.27 -14.99
CA ARG D 34 5.57 3.33 -14.40
C ARG D 34 6.74 3.03 -15.32
N ARG D 35 6.48 2.80 -16.60
CA ARG D 35 7.56 2.46 -17.54
C ARG D 35 8.55 3.57 -17.76
N SER D 36 8.02 4.79 -17.82
CA SER D 36 8.80 6.03 -18.00
C SER D 36 9.73 6.24 -16.83
N MET D 37 9.15 6.37 -15.63
CA MET D 37 9.93 6.57 -14.42
C MET D 37 10.90 5.44 -14.14
N LYS D 38 10.52 4.22 -14.45
CA LYS D 38 11.39 3.09 -14.19
C LYS D 38 12.67 3.15 -15.00
N ARG D 39 12.64 3.86 -16.14
CA ARG D 39 13.82 4.04 -17.03
C ARG D 39 14.50 5.41 -16.82
N LYS D 40 13.75 6.36 -16.27
CA LYS D 40 14.18 7.74 -16.02
C LYS D 40 14.21 8.51 -17.34
N ALA D 41 13.44 8.00 -18.29
CA ALA D 41 13.35 8.61 -19.62
C ALA D 41 13.05 10.09 -19.51
N LEU D 42 13.85 10.87 -20.24
CA LEU D 42 13.70 12.30 -20.32
C LEU D 42 13.07 12.47 -21.66
N PHE D 43 11.93 13.14 -21.72
CA PHE D 43 11.32 13.33 -23.02
C PHE D 43 11.38 14.77 -23.38
N THR D 44 11.45 15.04 -24.67
CA THR D 44 11.46 16.40 -25.14
C THR D 44 10.25 16.50 -26.07
N CYS D 45 9.59 17.65 -26.02
CA CYS D 45 8.42 17.90 -26.84
C CYS D 45 8.72 18.33 -28.30
N PRO D 46 7.98 17.81 -29.29
CA PRO D 46 8.21 18.17 -30.69
C PRO D 46 7.51 19.44 -31.15
N PHE D 47 6.57 19.91 -30.37
CA PHE D 47 5.85 21.10 -30.77
C PHE D 47 6.18 22.24 -29.82
N ASN D 48 5.18 22.81 -29.18
CA ASN D 48 5.45 23.91 -28.26
C ASN D 48 5.93 23.45 -26.92
N GLY D 49 5.04 22.83 -26.17
CA GLY D 49 5.40 22.36 -24.84
C GLY D 49 4.17 22.49 -23.97
N ASP D 50 3.01 22.37 -24.61
CA ASP D 50 1.74 22.44 -23.92
C ASP D 50 0.75 21.69 -24.80
N CYS D 51 1.08 20.43 -25.06
CA CYS D 51 0.18 19.63 -25.86
C CYS D 51 -1.11 19.46 -25.05
N ARG D 52 -2.25 19.70 -25.69
CA ARG D 52 -3.52 19.48 -25.01
C ARG D 52 -3.73 17.97 -25.20
N ILE D 53 -3.35 17.18 -24.17
CA ILE D 53 -3.45 15.71 -24.17
C ILE D 53 -4.85 15.11 -24.12
N THR D 54 -5.05 14.11 -24.95
CA THR D 54 -6.34 13.47 -25.05
C THR D 54 -6.24 11.96 -25.21
N LYS D 55 -7.39 11.31 -25.07
CA LYS D 55 -7.50 9.87 -25.18
C LYS D 55 -6.87 9.37 -26.47
N ASP D 56 -6.92 10.19 -27.51
CA ASP D 56 -6.40 9.80 -28.83
C ASP D 56 -4.94 10.08 -29.09
N ASN D 57 -4.61 11.37 -29.09
CA ASN D 57 -3.24 11.78 -29.35
C ASN D 57 -2.31 11.57 -28.17
N ARG D 58 -2.79 11.06 -27.06
CA ARG D 58 -1.92 10.88 -25.92
C ARG D 58 -0.62 10.14 -26.19
N ARG D 59 -0.56 9.33 -27.23
CA ARG D 59 0.67 8.60 -27.49
C ARG D 59 1.73 9.38 -28.27
N HIS D 60 1.39 10.59 -28.73
CA HIS D 60 2.30 11.41 -29.55
C HIS D 60 3.31 12.29 -28.82
N CYS D 61 2.91 12.86 -27.69
CA CYS D 61 3.89 13.64 -26.97
C CYS D 61 4.09 13.09 -25.58
N GLN D 62 5.16 12.33 -25.44
CA GLN D 62 5.50 11.75 -24.18
C GLN D 62 5.95 12.79 -23.19
N ALA D 63 6.88 13.67 -23.60
CA ALA D 63 7.36 14.73 -22.68
C ALA D 63 6.20 15.39 -21.97
N CYS D 64 5.19 15.78 -22.75
CA CYS D 64 4.02 16.43 -22.19
C CYS D 64 3.10 15.51 -21.42
N ARG D 65 3.01 14.25 -21.83
CA ARG D 65 2.14 13.31 -21.13
C ARG D 65 2.69 13.01 -19.76
N LEU D 66 4.02 12.89 -19.69
CA LEU D 66 4.69 12.60 -18.43
C LEU D 66 4.66 13.82 -17.54
N LYS D 67 4.54 15.00 -18.14
CA LYS D 67 4.46 16.23 -17.38
C LYS D 67 3.04 16.35 -16.83
N ARG D 68 2.03 16.19 -17.67
CA ARG D 68 0.68 16.25 -17.17
C ARG D 68 0.52 15.17 -16.08
N CYS D 69 1.30 14.10 -16.20
CA CYS D 69 1.26 13.03 -15.23
C CYS D 69 1.62 13.54 -13.88
N VAL D 70 2.85 14.04 -13.77
CA VAL D 70 3.34 14.57 -12.50
C VAL D 70 2.53 15.74 -11.94
N ASP D 71 2.07 16.65 -12.81
CA ASP D 71 1.26 17.81 -12.42
C ASP D 71 -0.02 17.32 -11.73
N ILE D 72 -0.58 16.22 -12.23
CA ILE D 72 -1.80 15.62 -11.68
C ILE D 72 -1.62 14.94 -10.31
N GLY D 73 -0.38 14.66 -9.92
CA GLY D 73 -0.14 14.06 -8.63
C GLY D 73 0.48 12.68 -8.54
N MET D 74 0.86 12.08 -9.67
CA MET D 74 1.47 10.76 -9.62
C MET D 74 2.86 10.73 -8.98
N MET D 75 3.00 9.90 -7.96
CA MET D 75 4.25 9.77 -7.25
C MET D 75 5.11 8.61 -7.71
N LYS D 76 6.26 8.92 -8.29
CA LYS D 76 7.15 7.87 -8.73
C LYS D 76 7.63 7.05 -7.54
N GLU D 77 7.38 7.53 -6.33
CA GLU D 77 7.81 6.82 -5.13
C GLU D 77 6.97 5.60 -4.89
N PHE D 78 5.74 5.64 -5.42
CA PHE D 78 4.83 4.52 -5.30
C PHE D 78 5.12 3.35 -6.23
N ILE D 79 6.03 3.55 -7.19
CA ILE D 79 6.46 2.50 -8.11
C ILE D 79 7.40 1.65 -7.30
N LEU D 80 7.16 0.35 -7.25
CA LEU D 80 8.00 -0.55 -6.47
C LEU D 80 9.42 -0.59 -6.97
N THR D 81 10.37 -0.52 -6.04
CA THR D 81 11.80 -0.56 -6.37
C THR D 81 12.20 -1.98 -6.80
N ASP D 82 12.99 -2.11 -7.87
CA ASP D 82 13.35 -3.46 -8.33
C ASP D 82 13.72 -4.38 -7.18
N GLU D 83 14.44 -3.79 -6.24
CA GLU D 83 14.89 -4.48 -5.06
C GLU D 83 13.65 -4.99 -4.29
N GLU D 84 12.55 -4.26 -4.39
CA GLU D 84 11.31 -4.63 -3.69
C GLU D 84 10.43 -5.59 -4.47
N VAL D 85 10.46 -5.44 -5.79
CA VAL D 85 9.69 -6.33 -6.65
C VAL D 85 10.27 -7.72 -6.39
N GLN D 86 11.45 -7.73 -5.75
CA GLN D 86 12.15 -8.96 -5.41
C GLN D 86 11.54 -9.70 -4.24
N ARG D 87 11.50 -9.08 -3.07
CA ARG D 87 10.92 -9.73 -1.89
C ARG D 87 9.56 -10.29 -2.33
N LYS D 88 8.73 -9.44 -2.94
CA LYS D 88 7.43 -9.88 -3.40
C LYS D 88 7.53 -11.10 -4.33
N ARG D 89 8.23 -10.99 -5.47
CA ARG D 89 8.35 -12.12 -6.41
C ARG D 89 8.75 -13.45 -5.73
N GLU D 90 9.79 -13.40 -4.89
CA GLU D 90 10.29 -14.57 -4.13
C GLU D 90 9.48 -14.88 -2.86
N MET D 91 9.42 -13.94 -1.89
CA MET D 91 8.67 -14.13 -0.62
C MET D 91 7.18 -14.48 -0.85
N ILE D 92 6.87 -14.83 -2.11
CA ILE D 92 5.55 -15.26 -2.59
C ILE D 92 5.57 -16.75 -2.24
N LEU D 93 6.59 -17.44 -2.78
CA LEU D 93 6.85 -18.88 -2.61
C LEU D 93 7.35 -19.20 -1.19
N LYS D 94 7.59 -18.16 -0.40
CA LYS D 94 8.06 -18.30 0.98
C LYS D 94 6.88 -18.55 1.92
N ARG D 95 5.71 -17.97 1.58
CA ARG D 95 4.47 -18.16 2.36
C ARG D 95 3.75 -19.37 1.73
N LYS D 96 4.09 -19.63 0.46
CA LYS D 96 3.57 -20.74 -0.34
C LYS D 96 4.32 -22.05 0.03
N GLU D 97 5.50 -21.88 0.62
CA GLU D 97 6.35 -22.99 1.08
C GLU D 97 5.98 -23.31 2.53
N GLU D 98 5.54 -22.29 3.28
CA GLU D 98 5.15 -22.44 4.69
C GLU D 98 3.64 -22.73 4.87
N GLU D 99 2.84 -22.32 3.87
CA GLU D 99 1.39 -22.56 3.87
C GLU D 99 1.21 -24.00 3.37
N ALA D 100 2.28 -24.53 2.77
CA ALA D 100 2.35 -25.89 2.26
C ALA D 100 2.84 -26.82 3.42
N LEU D 101 3.77 -26.33 4.24
CA LEU D 101 4.33 -27.07 5.39
C LEU D 101 3.33 -27.30 6.53
N LYS D 102 2.52 -26.28 6.82
CA LYS D 102 1.50 -26.39 7.88
C LYS D 102 0.34 -27.24 7.31
N ASP D 103 0.20 -27.20 5.98
CA ASP D 103 -0.81 -27.96 5.22
C ASP D 103 -0.23 -29.32 4.81
N SER D 104 0.52 -29.92 5.73
CA SER D 104 1.15 -31.23 5.56
C SER D 104 0.95 -31.99 6.87
N LEU D 105 1.27 -31.33 7.98
CA LEU D 105 1.13 -31.91 9.32
C LEU D 105 -0.18 -31.44 9.97
ZN ZN E . -5.61 4.41 12.38
ZN ZN F . 7.14 7.19 5.51
ZN ZN G . -4.91 8.44 -19.27
ZN ZN H . 4.20 18.38 -26.26
#